data_5ZCN
#
_entry.id   5ZCN
#
_entity_poly.entity_id   1
_entity_poly.type   'polypeptide(L)'
_entity_poly.pdbx_seq_one_letter_code
;DGMGEEFIEGLVRDSLYPPAG
;
_entity_poly.pdbx_strand_id   A
#
# COMPACT_ATOMS: atom_id res chain seq x y z
N ASP A 1 3.49 -0.94 0.58
CA ASP A 1 3.78 0.06 1.61
C ASP A 1 4.13 -0.60 2.94
N GLY A 2 3.12 -1.19 3.59
CA GLY A 2 3.34 -1.84 4.86
C GLY A 2 2.25 -1.57 5.87
N MET A 3 2.08 -0.29 6.21
CA MET A 3 1.05 0.11 7.17
C MET A 3 -0.08 0.85 6.48
N GLY A 4 -1.06 0.09 5.99
CA GLY A 4 -2.20 0.69 5.31
C GLY A 4 -3.35 -0.27 5.17
N GLU A 5 -4.34 0.10 4.35
CA GLU A 5 -5.50 -0.74 4.14
C GLU A 5 -6.16 -0.45 2.79
N GLU A 6 -5.35 -0.44 1.74
CA GLU A 6 -5.86 -0.17 0.40
C GLU A 6 -5.88 -1.45 -0.44
N PHE A 7 -4.71 -2.05 -0.62
CA PHE A 7 -4.60 -3.28 -1.41
C PHE A 7 -3.17 -3.81 -1.39
N ILE A 8 -3.00 -5.09 -1.71
CA ILE A 8 -1.69 -5.71 -1.73
C ILE A 8 -0.66 -4.85 -2.46
N GLU A 9 0.29 -4.30 -1.70
CA GLU A 9 1.33 -3.45 -2.26
C GLU A 9 2.34 -4.28 -3.05
N GLY A 10 1.88 -4.90 -4.13
CA GLY A 10 2.76 -5.71 -4.94
C GLY A 10 3.20 -6.99 -4.24
N LEU A 11 4.01 -6.84 -3.20
CA LEU A 11 4.50 -7.98 -2.45
C LEU A 11 4.57 -7.66 -0.96
N VAL A 12 3.45 -7.25 -0.39
CA VAL A 12 3.38 -6.92 1.03
C VAL A 12 1.99 -7.16 1.59
N ARG A 13 1.10 -6.18 1.44
CA ARG A 13 -0.27 -6.30 1.93
C ARG A 13 -1.07 -5.04 1.63
N ASP A 14 -2.22 -4.91 2.29
CA ASP A 14 -3.08 -3.75 2.09
C ASP A 14 -2.30 -2.45 2.28
N SER A 15 -1.79 -1.92 1.19
CA SER A 15 -1.02 -0.68 1.22
C SER A 15 -1.87 0.49 1.71
N LEU A 16 -1.35 1.70 1.55
CA LEU A 16 -2.07 2.89 1.97
C LEU A 16 -2.19 3.89 0.83
N TYR A 17 -1.07 4.52 0.46
CA TYR A 17 -1.06 5.48 -0.62
C TYR A 17 0.35 6.01 -0.89
N PRO A 18 1.28 5.12 -1.29
CA PRO A 18 2.66 5.51 -1.57
C PRO A 18 2.76 6.58 -2.67
N PRO A 19 2.05 6.38 -3.80
CA PRO A 19 2.06 7.33 -4.90
C PRO A 19 1.08 8.48 -4.70
N ALA A 20 1.58 9.71 -4.78
CA ALA A 20 0.75 10.89 -4.61
C ALA A 20 1.42 12.12 -5.20
N GLY A 21 0.90 12.58 -6.33
CA GLY A 21 1.46 13.75 -7.00
C GLY A 21 1.41 13.64 -8.51
N ASP A 1 4.07 -1.35 0.34
CA ASP A 1 5.09 -1.18 1.36
C ASP A 1 4.82 -2.09 2.56
N GLY A 2 3.56 -2.11 3.01
CA GLY A 2 3.20 -2.93 4.14
C GLY A 2 2.10 -2.30 4.98
N MET A 3 2.45 -1.24 5.69
CA MET A 3 1.49 -0.54 6.55
C MET A 3 0.46 0.21 5.71
N GLY A 4 -0.80 0.13 6.13
CA GLY A 4 -1.86 0.81 5.39
C GLY A 4 -3.08 -0.07 5.21
N GLU A 5 -3.96 0.34 4.31
CA GLU A 5 -5.17 -0.42 4.03
C GLU A 5 -5.77 -0.06 2.68
N GLU A 6 -4.90 0.22 1.71
CA GLU A 6 -5.34 0.59 0.37
C GLU A 6 -5.51 -0.65 -0.51
N PHE A 7 -4.40 -1.32 -0.77
CA PHE A 7 -4.40 -2.54 -1.59
C PHE A 7 -3.02 -3.15 -1.66
N ILE A 8 -2.91 -4.29 -2.35
CA ILE A 8 -1.63 -4.98 -2.49
C ILE A 8 -0.58 -4.08 -3.12
N GLU A 9 0.48 -3.79 -2.36
CA GLU A 9 1.55 -2.94 -2.86
C GLU A 9 2.36 -3.64 -3.94
N GLY A 10 2.42 -4.98 -3.85
CA GLY A 10 3.16 -5.74 -4.83
C GLY A 10 3.77 -7.00 -4.24
N LEU A 11 4.03 -6.98 -2.94
CA LEU A 11 4.61 -8.13 -2.25
C LEU A 11 4.56 -7.94 -0.74
N VAL A 12 3.50 -7.29 -0.26
CA VAL A 12 3.34 -7.06 1.17
C VAL A 12 1.88 -7.21 1.58
N ARG A 13 1.10 -6.14 1.46
CA ARG A 13 -0.31 -6.15 1.82
C ARG A 13 -0.98 -4.82 1.53
N ASP A 14 -2.17 -4.62 2.08
CA ASP A 14 -2.90 -3.38 1.88
C ASP A 14 -2.05 -2.16 2.21
N SER A 15 -1.40 -1.62 1.19
CA SER A 15 -0.52 -0.46 1.35
C SER A 15 -1.31 0.78 1.78
N LEU A 16 -0.71 1.96 1.60
CA LEU A 16 -1.35 3.20 1.97
C LEU A 16 -1.72 4.03 0.74
N TYR A 17 -0.73 4.68 0.15
CA TYR A 17 -0.96 5.50 -1.04
C TYR A 17 0.28 5.55 -1.92
N PRO A 18 0.30 4.79 -3.03
CA PRO A 18 1.44 4.76 -3.96
C PRO A 18 1.83 6.15 -4.45
N PRO A 19 0.85 6.97 -4.89
CA PRO A 19 1.11 8.32 -5.38
C PRO A 19 1.34 9.32 -4.26
N ALA A 20 1.44 10.59 -4.62
CA ALA A 20 1.66 11.66 -3.64
C ALA A 20 0.34 12.27 -3.19
N GLY A 21 -0.60 11.41 -2.82
CA GLY A 21 -1.91 11.90 -2.37
C GLY A 21 -2.79 10.78 -1.85
N ASP A 1 4.48 -0.64 2.01
CA ASP A 1 5.35 -0.52 3.18
C ASP A 1 4.96 -1.53 4.25
N GLY A 2 3.71 -1.45 4.71
CA GLY A 2 3.25 -2.36 5.73
C GLY A 2 2.61 -1.64 6.91
N MET A 3 1.72 -0.70 6.61
CA MET A 3 1.04 0.07 7.65
C MET A 3 -0.23 0.71 7.10
N GLY A 4 -0.84 0.07 6.11
CA GLY A 4 -2.05 0.59 5.51
C GLY A 4 -3.11 -0.47 5.32
N GLU A 5 -3.99 -0.26 4.35
CA GLU A 5 -5.05 -1.21 4.07
C GLU A 5 -5.78 -0.84 2.78
N GLU A 6 -5.03 -0.39 1.79
CA GLU A 6 -5.60 -0.01 0.50
C GLU A 6 -5.31 -1.05 -0.58
N PHE A 7 -4.03 -1.16 -0.96
CA PHE A 7 -3.63 -2.13 -1.97
C PHE A 7 -2.18 -2.57 -1.77
N ILE A 8 -1.88 -3.78 -2.23
CA ILE A 8 -0.54 -4.35 -2.11
C ILE A 8 0.55 -3.34 -2.44
N GLU A 9 1.58 -3.28 -1.60
CA GLU A 9 2.68 -2.36 -1.81
C GLU A 9 3.67 -2.90 -2.85
N GLY A 10 3.44 -4.13 -3.30
CA GLY A 10 4.32 -4.74 -4.29
C GLY A 10 4.28 -6.25 -4.25
N LEU A 11 3.93 -6.81 -3.10
CA LEU A 11 3.85 -8.26 -2.93
C LEU A 11 2.46 -8.69 -2.47
N VAL A 12 2.21 -8.59 -1.16
CA VAL A 12 0.91 -8.97 -0.61
C VAL A 12 0.66 -8.26 0.71
N ARG A 13 0.16 -7.03 0.62
CA ARG A 13 -0.13 -6.24 1.82
C ARG A 13 -0.77 -4.91 1.47
N ASP A 14 -2.07 -4.80 1.71
CA ASP A 14 -2.82 -3.59 1.42
C ASP A 14 -2.16 -2.36 2.06
N SER A 15 -1.19 -1.79 1.35
CA SER A 15 -0.47 -0.61 1.85
C SER A 15 -1.41 0.58 2.00
N LEU A 16 -0.83 1.78 2.08
CA LEU A 16 -1.62 3.00 2.22
C LEU A 16 -1.97 3.58 0.85
N TYR A 17 -1.13 4.49 0.35
CA TYR A 17 -1.36 5.12 -0.94
C TYR A 17 -0.32 6.20 -1.22
N PRO A 18 0.39 6.10 -2.36
CA PRO A 18 1.42 7.09 -2.73
C PRO A 18 0.86 8.50 -2.78
N PRO A 19 1.75 9.51 -2.91
CA PRO A 19 1.34 10.92 -2.97
C PRO A 19 0.56 11.24 -4.24
N ALA A 20 1.08 10.78 -5.38
CA ALA A 20 0.44 11.01 -6.66
C ALA A 20 -0.03 9.70 -7.29
N GLY A 21 -1.02 9.07 -6.66
CA GLY A 21 -1.55 7.81 -7.17
C GLY A 21 -0.63 6.65 -6.86
N ASP A 1 3.68 0.87 -0.28
CA ASP A 1 4.43 1.55 0.77
C ASP A 1 4.72 0.62 1.95
N GLY A 2 3.77 -0.27 2.23
CA GLY A 2 3.94 -1.21 3.32
C GLY A 2 3.28 -0.73 4.60
N MET A 3 2.17 -0.02 4.46
CA MET A 3 1.45 0.50 5.61
C MET A 3 0.04 0.95 5.22
N GLY A 4 -0.96 0.16 5.60
CA GLY A 4 -2.34 0.48 5.27
C GLY A 4 -3.20 -0.75 5.12
N GLU A 5 -4.42 -0.56 4.64
CA GLU A 5 -5.34 -1.68 4.45
C GLU A 5 -6.33 -1.39 3.32
N GLU A 6 -5.82 -0.91 2.19
CA GLU A 6 -6.65 -0.59 1.04
C GLU A 6 -6.31 -1.51 -0.13
N PHE A 7 -5.02 -1.66 -0.41
CA PHE A 7 -4.57 -2.52 -1.50
C PHE A 7 -3.05 -2.61 -1.53
N ILE A 8 -2.54 -3.81 -1.79
CA ILE A 8 -1.11 -4.07 -1.84
C ILE A 8 -0.38 -3.04 -2.71
N GLU A 9 0.79 -2.61 -2.25
CA GLU A 9 1.60 -1.65 -2.98
C GLU A 9 2.52 -2.36 -3.98
N GLY A 10 2.34 -3.67 -4.14
CA GLY A 10 3.16 -4.43 -5.07
C GLY A 10 4.00 -5.48 -4.36
N LEU A 11 3.48 -5.99 -3.24
CA LEU A 11 4.19 -7.01 -2.48
C LEU A 11 3.27 -7.70 -1.49
N VAL A 12 2.94 -7.02 -0.41
CA VAL A 12 2.06 -7.57 0.62
C VAL A 12 1.40 -6.47 1.45
N ARG A 13 0.34 -6.82 2.17
CA ARG A 13 -0.39 -5.86 2.99
C ARG A 13 -1.09 -4.82 2.13
N ASP A 14 -2.42 -4.75 2.25
CA ASP A 14 -3.21 -3.81 1.48
C ASP A 14 -2.80 -2.37 1.78
N SER A 15 -1.72 -1.91 1.16
CA SER A 15 -1.22 -0.56 1.36
C SER A 15 -2.31 0.46 1.04
N LEU A 16 -2.35 1.56 1.81
CA LEU A 16 -3.33 2.61 1.59
C LEU A 16 -2.68 3.87 1.06
N TYR A 17 -1.48 4.17 1.53
CA TYR A 17 -0.75 5.36 1.10
C TYR A 17 -0.51 5.32 -0.40
N PRO A 18 -0.99 6.32 -1.15
CA PRO A 18 -0.82 6.39 -2.61
C PRO A 18 0.64 6.18 -3.03
N PRO A 19 0.86 5.48 -4.15
CA PRO A 19 2.21 5.22 -4.66
C PRO A 19 2.89 6.49 -5.19
N ALA A 20 2.09 7.47 -5.59
CA ALA A 20 2.61 8.72 -6.11
C ALA A 20 2.76 9.76 -5.01
N GLY A 21 3.36 9.34 -3.88
CA GLY A 21 3.55 10.25 -2.78
C GLY A 21 4.40 9.64 -1.66
N ASP A 1 4.04 -1.03 -0.87
CA ASP A 1 5.24 -0.73 -0.08
C ASP A 1 5.13 -1.32 1.32
N GLY A 2 4.05 -0.97 2.02
CA GLY A 2 3.86 -1.47 3.37
C GLY A 2 2.79 -0.70 4.13
N MET A 3 3.14 0.49 4.59
CA MET A 3 2.21 1.34 5.33
C MET A 3 0.96 1.61 4.51
N GLY A 4 -0.18 1.12 4.99
CA GLY A 4 -1.44 1.32 4.29
C GLY A 4 -2.54 0.40 4.78
N GLU A 5 -3.62 0.31 4.02
CA GLU A 5 -4.75 -0.55 4.39
C GLU A 5 -5.83 -0.54 3.32
N GLU A 6 -5.45 -0.87 2.08
CA GLU A 6 -6.38 -0.91 0.97
C GLU A 6 -6.34 -2.27 0.29
N PHE A 7 -5.15 -2.69 -0.13
CA PHE A 7 -4.99 -3.98 -0.79
C PHE A 7 -3.51 -4.27 -1.07
N ILE A 8 -3.23 -5.53 -1.41
CA ILE A 8 -1.86 -5.96 -1.69
C ILE A 8 -1.14 -4.96 -2.60
N GLU A 9 0.01 -4.47 -2.12
CA GLU A 9 0.80 -3.51 -2.88
C GLU A 9 1.41 -4.19 -4.11
N GLY A 10 2.48 -4.95 -3.90
CA GLY A 10 3.13 -5.63 -5.00
C GLY A 10 3.61 -7.02 -4.62
N LEU A 11 3.22 -7.48 -3.43
CA LEU A 11 3.61 -8.80 -2.95
C LEU A 11 2.52 -9.40 -2.06
N VAL A 12 2.28 -8.75 -0.92
CA VAL A 12 1.26 -9.22 0.01
C VAL A 12 1.16 -8.30 1.22
N ARG A 13 0.36 -7.25 1.10
CA ARG A 13 0.18 -6.29 2.18
C ARG A 13 -0.82 -5.20 1.80
N ASP A 14 -1.84 -5.03 2.63
CA ASP A 14 -2.87 -4.02 2.38
C ASP A 14 -2.25 -2.63 2.32
N SER A 15 -1.77 -2.26 1.14
CA SER A 15 -1.15 -0.95 0.93
C SER A 15 -2.19 0.16 0.93
N LEU A 16 -1.72 1.40 0.97
CA LEU A 16 -2.61 2.55 0.96
C LEU A 16 -2.57 3.27 -0.39
N TYR A 17 -3.12 4.47 -0.44
CA TYR A 17 -3.13 5.25 -1.68
C TYR A 17 -1.76 5.87 -1.94
N PRO A 18 -1.32 5.88 -3.21
CA PRO A 18 -0.02 6.45 -3.59
C PRO A 18 0.12 7.90 -3.15
N PRO A 19 0.96 8.17 -2.13
CA PRO A 19 1.18 9.53 -1.62
C PRO A 19 1.98 10.39 -2.61
N ALA A 20 1.61 11.66 -2.70
CA ALA A 20 2.28 12.59 -3.60
C ALA A 20 3.40 13.34 -2.88
N GLY A 21 4.24 12.59 -2.17
CA GLY A 21 5.34 13.20 -1.45
C GLY A 21 5.83 12.34 -0.30
N ASP A 1 3.68 0.47 -0.91
CA ASP A 1 4.82 0.79 -0.06
C ASP A 1 4.97 -0.25 1.05
N GLY A 2 4.03 -0.28 1.97
CA GLY A 2 4.08 -1.23 3.06
C GLY A 2 2.84 -1.16 3.95
N MET A 3 2.93 -0.37 5.02
CA MET A 3 1.81 -0.22 5.95
C MET A 3 0.55 0.23 5.22
N GLY A 4 -0.56 0.25 5.93
CA GLY A 4 -1.82 0.67 5.34
C GLY A 4 -2.81 -0.48 5.22
N GLU A 5 -4.00 -0.18 4.70
CA GLU A 5 -5.03 -1.20 4.53
C GLU A 5 -5.97 -0.82 3.38
N GLU A 6 -5.38 -0.58 2.21
CA GLU A 6 -6.17 -0.22 1.03
C GLU A 6 -6.06 -1.31 -0.03
N PHE A 7 -4.84 -1.62 -0.46
CA PHE A 7 -4.63 -2.64 -1.47
C PHE A 7 -3.15 -2.96 -1.64
N ILE A 8 -2.87 -4.15 -2.19
CA ILE A 8 -1.50 -4.60 -2.40
C ILE A 8 -0.71 -3.61 -3.24
N GLU A 9 0.34 -3.05 -2.65
CA GLU A 9 1.18 -2.09 -3.35
C GLU A 9 2.34 -2.79 -4.06
N GLY A 10 2.59 -4.04 -3.70
CA GLY A 10 3.67 -4.79 -4.32
C GLY A 10 4.20 -5.88 -3.43
N LEU A 11 3.95 -5.78 -2.13
CA LEU A 11 4.43 -6.77 -1.18
C LEU A 11 3.35 -7.82 -0.88
N VAL A 12 2.32 -7.41 -0.13
CA VAL A 12 1.22 -8.31 0.23
C VAL A 12 0.18 -7.58 1.08
N ARG A 13 0.65 -6.71 1.97
CA ARG A 13 -0.24 -5.96 2.85
C ARG A 13 -0.96 -4.86 2.07
N ASP A 14 -2.27 -4.77 2.27
CA ASP A 14 -3.07 -3.75 1.59
C ASP A 14 -2.57 -2.35 1.92
N SER A 15 -1.57 -1.90 1.19
CA SER A 15 -0.98 -0.58 1.41
C SER A 15 -2.06 0.50 1.41
N LEU A 16 -1.66 1.72 1.78
CA LEU A 16 -2.59 2.85 1.82
C LEU A 16 -2.73 3.48 0.44
N TYR A 17 -1.61 3.66 -0.25
CA TYR A 17 -1.60 4.25 -1.58
C TYR A 17 -0.19 4.27 -2.17
N PRO A 18 -0.01 3.80 -3.41
CA PRO A 18 1.30 3.77 -4.06
C PRO A 18 1.94 5.15 -4.14
N PRO A 19 1.19 6.18 -4.59
CA PRO A 19 1.71 7.55 -4.70
C PRO A 19 1.68 8.29 -3.37
N ALA A 20 2.81 8.90 -3.02
CA ALA A 20 2.91 9.65 -1.77
C ALA A 20 2.61 11.13 -1.99
N GLY A 21 1.46 11.40 -2.61
CA GLY A 21 1.06 12.77 -2.87
C GLY A 21 -0.37 12.88 -3.35
N ASP A 1 4.53 -1.51 2.06
CA ASP A 1 5.71 -1.05 2.80
C ASP A 1 5.61 -1.42 4.28
N GLY A 2 4.43 -1.22 4.86
CA GLY A 2 4.23 -1.54 6.26
C GLY A 2 2.77 -1.50 6.66
N MET A 3 2.35 -0.39 7.25
CA MET A 3 0.97 -0.23 7.68
C MET A 3 0.07 0.19 6.52
N GLY A 4 -1.15 0.62 6.84
CA GLY A 4 -2.07 1.04 5.80
C GLY A 4 -3.13 0.00 5.52
N GLU A 5 -4.01 0.29 4.56
CA GLU A 5 -5.08 -0.64 4.20
C GLU A 5 -5.77 -0.20 2.92
N GLU A 6 -4.97 0.08 1.89
CA GLU A 6 -5.50 0.50 0.60
C GLU A 6 -5.39 -0.63 -0.44
N PHE A 7 -4.17 -0.94 -0.83
CA PHE A 7 -3.92 -2.00 -1.82
C PHE A 7 -2.46 -2.42 -1.82
N ILE A 8 -2.16 -3.50 -2.54
CA ILE A 8 -0.79 -4.03 -2.63
C ILE A 8 0.23 -2.90 -2.81
N GLU A 9 1.16 -2.80 -1.86
CA GLU A 9 2.20 -1.79 -1.89
C GLU A 9 3.40 -2.26 -2.71
N GLY A 10 3.13 -2.80 -3.90
CA GLY A 10 4.20 -3.28 -4.75
C GLY A 10 4.50 -4.74 -4.54
N LEU A 11 4.22 -5.25 -3.35
CA LEU A 11 4.47 -6.65 -3.03
C LEU A 11 3.19 -7.35 -2.59
N VAL A 12 2.88 -7.27 -1.29
CA VAL A 12 1.68 -7.92 -0.75
C VAL A 12 1.25 -7.25 0.56
N ARG A 13 0.53 -6.14 0.45
CA ARG A 13 0.06 -5.43 1.64
C ARG A 13 -0.74 -4.19 1.27
N ASP A 14 -1.93 -4.09 1.85
CA ASP A 14 -2.80 -2.95 1.60
C ASP A 14 -2.16 -1.66 2.10
N SER A 15 -1.35 -1.04 1.25
CA SER A 15 -0.65 0.20 1.58
C SER A 15 -1.62 1.28 2.06
N LEU A 16 -1.19 2.53 2.02
CA LEU A 16 -2.02 3.64 2.47
C LEU A 16 -1.73 4.92 1.68
N TYR A 17 -0.47 5.10 1.28
CA TYR A 17 -0.07 6.28 0.52
C TYR A 17 -1.08 6.64 -0.56
N PRO A 18 -1.53 7.91 -0.60
CA PRO A 18 -2.51 8.37 -1.59
C PRO A 18 -2.08 8.08 -3.02
N PRO A 19 -0.84 8.41 -3.40
CA PRO A 19 -0.34 8.16 -4.76
C PRO A 19 -0.09 6.69 -5.03
N ALA A 20 -0.81 6.15 -6.01
CA ALA A 20 -0.69 4.74 -6.37
C ALA A 20 0.55 4.51 -7.25
N GLY A 21 1.71 4.53 -6.63
CA GLY A 21 2.95 4.33 -7.36
C GLY A 21 3.16 5.36 -8.45
N ASP A 1 3.95 -0.34 -0.49
CA ASP A 1 4.74 0.21 0.62
C ASP A 1 4.63 -0.68 1.86
N GLY A 2 3.46 -0.70 2.48
CA GLY A 2 3.26 -1.51 3.66
C GLY A 2 2.16 -0.96 4.56
N MET A 3 2.42 0.19 5.18
CA MET A 3 1.44 0.81 6.06
C MET A 3 0.14 1.12 5.32
N GLY A 4 -0.98 0.77 5.93
CA GLY A 4 -2.27 1.02 5.31
C GLY A 4 -3.20 -0.16 5.43
N GLU A 5 -4.25 -0.15 4.61
CA GLU A 5 -5.23 -1.24 4.62
C GLU A 5 -6.26 -1.06 3.50
N GLU A 6 -5.80 -0.56 2.36
CA GLU A 6 -6.67 -0.34 1.21
C GLU A 6 -6.46 -1.43 0.15
N PHE A 7 -5.20 -1.70 -0.17
CA PHE A 7 -4.87 -2.71 -1.17
C PHE A 7 -3.36 -2.87 -1.30
N ILE A 8 -2.94 -4.06 -1.72
CA ILE A 8 -1.53 -4.36 -1.89
C ILE A 8 -0.85 -3.38 -2.83
N GLU A 9 0.19 -2.72 -2.34
CA GLU A 9 0.93 -1.76 -3.14
C GLU A 9 1.53 -2.44 -4.38
N GLY A 10 1.73 -3.75 -4.28
CA GLY A 10 2.29 -4.51 -5.38
C GLY A 10 2.93 -5.79 -4.90
N LEU A 11 3.38 -5.79 -3.64
CA LEU A 11 4.01 -6.96 -3.05
C LEU A 11 3.63 -7.11 -1.58
N VAL A 12 3.69 -6.00 -0.85
CA VAL A 12 3.35 -5.99 0.57
C VAL A 12 1.85 -6.25 0.77
N ARG A 13 1.35 -5.98 1.97
CA ARG A 13 -0.06 -6.18 2.28
C ARG A 13 -0.89 -4.94 1.91
N ASP A 14 -2.15 -4.93 2.30
CA ASP A 14 -3.05 -3.83 2.00
C ASP A 14 -2.43 -2.47 2.37
N SER A 15 -1.74 -1.87 1.41
CA SER A 15 -1.10 -0.57 1.62
C SER A 15 -2.14 0.52 1.83
N LEU A 16 -1.68 1.78 1.82
CA LEU A 16 -2.58 2.92 2.01
C LEU A 16 -2.54 3.84 0.79
N TYR A 17 -2.54 3.24 -0.39
CA TYR A 17 -2.51 4.00 -1.65
C TYR A 17 -1.51 5.16 -1.58
N PRO A 18 -0.22 4.85 -1.39
CA PRO A 18 0.84 5.86 -1.30
C PRO A 18 0.81 6.83 -2.49
N PRO A 19 0.35 8.07 -2.26
CA PRO A 19 0.27 9.09 -3.32
C PRO A 19 1.65 9.50 -3.83
N ALA A 20 2.66 9.33 -2.99
CA ALA A 20 4.03 9.68 -3.36
C ALA A 20 4.80 8.47 -3.86
N GLY A 21 4.11 7.62 -4.63
CA GLY A 21 4.75 6.43 -5.16
C GLY A 21 4.56 6.28 -6.65
N ASP A 1 3.61 0.23 0.48
CA ASP A 1 4.58 0.63 1.48
C ASP A 1 4.74 -0.46 2.55
N GLY A 2 3.71 -0.63 3.37
CA GLY A 2 3.75 -1.63 4.41
C GLY A 2 2.85 -1.28 5.60
N MET A 3 2.67 0.00 5.84
CA MET A 3 1.83 0.47 6.93
C MET A 3 0.52 1.04 6.42
N GLY A 4 -0.20 0.26 5.63
CA GLY A 4 -1.47 0.71 5.07
C GLY A 4 -2.54 -0.38 5.10
N GLU A 5 -3.71 -0.07 4.56
CA GLU A 5 -4.81 -1.02 4.52
C GLU A 5 -5.81 -0.65 3.43
N GLU A 6 -5.34 -0.65 2.18
CA GLU A 6 -6.19 -0.32 1.05
C GLU A 6 -6.04 -1.37 -0.06
N PHE A 7 -4.79 -1.70 -0.39
CA PHE A 7 -4.52 -2.67 -1.42
C PHE A 7 -3.02 -2.98 -1.52
N ILE A 8 -2.71 -4.24 -1.73
CA ILE A 8 -1.32 -4.71 -1.84
C ILE A 8 -0.46 -3.75 -2.65
N GLU A 9 0.60 -3.23 -2.02
CA GLU A 9 1.50 -2.31 -2.69
C GLU A 9 2.14 -2.98 -3.91
N GLY A 10 2.14 -4.30 -3.91
CA GLY A 10 2.72 -5.04 -5.01
C GLY A 10 3.14 -6.44 -4.60
N LEU A 11 3.36 -6.64 -3.31
CA LEU A 11 3.77 -7.93 -2.78
C LEU A 11 2.72 -8.48 -1.80
N VAL A 12 2.60 -7.82 -0.66
CA VAL A 12 1.64 -8.26 0.36
C VAL A 12 1.18 -7.09 1.24
N ARG A 13 0.10 -7.30 1.98
CA ARG A 13 -0.44 -6.27 2.87
C ARG A 13 -1.08 -5.14 2.08
N ASP A 14 -2.38 -4.93 2.32
CA ASP A 14 -3.13 -3.88 1.64
C ASP A 14 -2.51 -2.51 1.91
N SER A 15 -1.51 -2.15 1.12
CA SER A 15 -0.83 -0.86 1.27
C SER A 15 -1.84 0.29 1.41
N LEU A 16 -1.33 1.46 1.76
CA LEU A 16 -2.19 2.63 1.93
C LEU A 16 -2.48 3.29 0.58
N TYR A 17 -3.07 4.48 0.63
CA TYR A 17 -3.41 5.21 -0.59
C TYR A 17 -2.19 5.33 -1.51
N PRO A 18 -2.42 5.66 -2.79
CA PRO A 18 -1.34 5.81 -3.77
C PRO A 18 -0.15 6.59 -3.23
N PRO A 19 1.00 6.52 -3.92
CA PRO A 19 2.22 7.22 -3.49
C PRO A 19 2.09 8.73 -3.58
N ALA A 20 3.08 9.44 -3.08
CA ALA A 20 3.08 10.91 -3.12
C ALA A 20 3.97 11.44 -4.22
N GLY A 21 3.99 10.74 -5.36
CA GLY A 21 4.81 11.15 -6.48
C GLY A 21 3.99 11.37 -7.74
N ASP A 1 4.97 -2.71 1.07
CA ASP A 1 5.84 -2.74 2.24
C ASP A 1 5.02 -2.88 3.53
N GLY A 2 3.79 -3.38 3.39
CA GLY A 2 2.93 -3.56 4.54
C GLY A 2 2.82 -2.31 5.39
N MET A 3 2.23 -1.26 4.83
CA MET A 3 2.05 0.00 5.54
C MET A 3 0.79 0.71 5.08
N GLY A 4 -0.29 0.56 5.83
CA GLY A 4 -1.54 1.19 5.48
C GLY A 4 -2.71 0.24 5.49
N GLU A 5 -3.70 0.51 4.64
CA GLU A 5 -4.88 -0.33 4.55
C GLU A 5 -5.66 -0.04 3.26
N GLU A 6 -4.92 0.36 2.23
CA GLU A 6 -5.54 0.68 0.94
C GLU A 6 -5.59 -0.55 0.04
N PHE A 7 -4.44 -0.98 -0.46
CA PHE A 7 -4.39 -2.16 -1.32
C PHE A 7 -3.01 -2.83 -1.28
N ILE A 8 -2.97 -4.06 -1.78
CA ILE A 8 -1.74 -4.85 -1.81
C ILE A 8 -0.54 -4.03 -2.29
N GLU A 9 0.50 -4.01 -1.47
CA GLU A 9 1.74 -3.29 -1.79
C GLU A 9 2.52 -4.04 -2.86
N GLY A 10 3.82 -3.81 -2.93
CA GLY A 10 4.64 -4.49 -3.91
C GLY A 10 4.75 -5.98 -3.63
N LEU A 11 4.39 -6.37 -2.42
CA LEU A 11 4.44 -7.78 -2.03
C LEU A 11 3.03 -8.35 -1.88
N VAL A 12 2.37 -8.01 -0.77
CA VAL A 12 1.02 -8.50 -0.51
C VAL A 12 0.49 -7.98 0.83
N ARG A 13 -0.07 -6.78 0.81
CA ARG A 13 -0.62 -6.17 2.02
C ARG A 13 -1.23 -4.80 1.74
N ASP A 14 -2.40 -4.56 2.30
CA ASP A 14 -3.09 -3.28 2.11
C ASP A 14 -2.20 -2.11 2.53
N SER A 15 -1.38 -1.65 1.59
CA SER A 15 -0.48 -0.53 1.84
C SER A 15 -1.26 0.74 2.12
N LEU A 16 -0.61 1.89 1.97
CA LEU A 16 -1.26 3.17 2.20
C LEU A 16 -1.94 3.69 0.93
N TYR A 17 -2.74 4.74 1.07
CA TYR A 17 -3.45 5.33 -0.05
C TYR A 17 -2.52 5.58 -1.24
N PRO A 18 -3.09 5.76 -2.45
CA PRO A 18 -2.31 6.00 -3.66
C PRO A 18 -1.23 7.06 -3.46
N PRO A 19 -0.01 6.80 -3.95
CA PRO A 19 1.10 7.75 -3.83
C PRO A 19 0.93 8.98 -4.71
N ALA A 20 1.34 10.13 -4.20
CA ALA A 20 1.23 11.38 -4.94
C ALA A 20 2.60 11.88 -5.41
N GLY A 21 2.83 11.78 -6.72
CA GLY A 21 4.10 12.22 -7.28
C GLY A 21 4.40 11.58 -8.61
N ASP A 1 3.67 -0.92 -0.13
CA ASP A 1 4.29 0.04 0.77
C ASP A 1 4.34 -0.49 2.19
N GLY A 2 3.41 -1.39 2.52
CA GLY A 2 3.36 -1.97 3.85
C GLY A 2 2.68 -1.05 4.85
N MET A 3 2.19 -1.64 5.94
CA MET A 3 1.52 -0.88 7.00
C MET A 3 0.11 -0.47 6.58
N GLY A 4 0.00 0.24 5.45
CA GLY A 4 -1.29 0.68 4.96
C GLY A 4 -2.31 -0.44 4.89
N GLU A 5 -3.53 -0.10 4.48
CA GLU A 5 -4.59 -1.09 4.35
C GLU A 5 -5.55 -0.71 3.23
N GLU A 6 -5.00 -0.33 2.09
CA GLU A 6 -5.80 0.07 0.94
C GLU A 6 -5.73 -1.00 -0.16
N PHE A 7 -4.51 -1.36 -0.55
CA PHE A 7 -4.31 -2.37 -1.59
C PHE A 7 -2.84 -2.76 -1.69
N ILE A 8 -2.60 -4.06 -1.87
CA ILE A 8 -1.24 -4.58 -1.98
C ILE A 8 -0.39 -3.79 -2.98
N GLU A 9 0.89 -3.69 -2.69
CA GLU A 9 1.83 -2.97 -3.55
C GLU A 9 2.73 -3.95 -4.29
N GLY A 10 3.23 -4.94 -3.56
CA GLY A 10 4.10 -5.94 -4.15
C GLY A 10 4.03 -7.27 -3.43
N LEU A 11 2.82 -7.81 -3.31
CA LEU A 11 2.59 -9.09 -2.64
C LEU A 11 2.66 -8.93 -1.13
N VAL A 12 2.18 -7.80 -0.64
CA VAL A 12 2.19 -7.52 0.80
C VAL A 12 0.84 -6.95 1.24
N ARG A 13 0.76 -6.56 2.51
CA ARG A 13 -0.48 -6.00 3.07
C ARG A 13 -1.03 -4.89 2.17
N ASP A 14 -2.32 -4.64 2.26
CA ASP A 14 -2.97 -3.62 1.46
C ASP A 14 -2.31 -2.26 1.65
N SER A 15 -1.26 -2.01 0.88
CA SER A 15 -0.52 -0.75 0.95
C SER A 15 -1.43 0.45 1.19
N LEU A 16 -0.86 1.52 1.74
CA LEU A 16 -1.61 2.73 2.02
C LEU A 16 -2.07 3.41 0.73
N TYR A 17 -2.49 4.68 0.85
CA TYR A 17 -2.94 5.44 -0.30
C TYR A 17 -1.81 6.28 -0.87
N PRO A 18 -1.44 6.06 -2.15
CA PRO A 18 -0.36 6.81 -2.80
C PRO A 18 -0.53 8.32 -2.65
N PRO A 19 0.28 8.97 -1.79
CA PRO A 19 0.20 10.41 -1.56
C PRO A 19 0.54 11.22 -2.82
N ALA A 20 1.71 10.94 -3.40
CA ALA A 20 2.14 11.64 -4.60
C ALA A 20 3.22 10.87 -5.33
N GLY A 21 2.85 9.71 -5.88
CA GLY A 21 3.81 8.89 -6.60
C GLY A 21 3.80 9.17 -8.09
N ASP A 1 4.71 -0.67 1.15
CA ASP A 1 5.76 -0.56 2.16
C ASP A 1 5.54 -1.55 3.30
N GLY A 2 4.64 -1.20 4.22
CA GLY A 2 4.36 -2.07 5.35
C GLY A 2 3.72 -1.35 6.51
N MET A 3 2.64 -0.61 6.23
CA MET A 3 1.95 0.14 7.26
C MET A 3 0.77 0.91 6.67
N GLY A 4 0.08 0.30 5.72
CA GLY A 4 -1.05 0.94 5.08
C GLY A 4 -2.30 0.07 5.11
N GLU A 5 -3.23 0.36 4.21
CA GLU A 5 -4.47 -0.40 4.11
C GLU A 5 -5.24 -0.04 2.85
N GLU A 6 -4.53 0.03 1.73
CA GLU A 6 -5.13 0.36 0.45
C GLU A 6 -5.21 -0.87 -0.45
N PHE A 7 -4.06 -1.28 -0.99
CA PHE A 7 -3.99 -2.44 -1.86
C PHE A 7 -2.58 -3.03 -1.90
N ILE A 8 -2.47 -4.27 -2.38
CA ILE A 8 -1.19 -4.97 -2.45
C ILE A 8 -0.03 -4.02 -2.76
N GLU A 9 1.02 -4.12 -1.95
CA GLU A 9 2.21 -3.28 -2.12
C GLU A 9 3.26 -3.98 -2.99
N GLY A 10 2.81 -4.88 -3.87
CA GLY A 10 3.72 -5.59 -4.73
C GLY A 10 3.65 -7.09 -4.54
N LEU A 11 3.43 -7.52 -3.30
CA LEU A 11 3.34 -8.94 -2.98
C LEU A 11 1.96 -9.29 -2.44
N VAL A 12 1.70 -8.88 -1.20
CA VAL A 12 0.42 -9.14 -0.55
C VAL A 12 0.27 -8.32 0.72
N ARG A 13 -0.16 -7.08 0.59
CA ARG A 13 -0.34 -6.19 1.72
C ARG A 13 -0.98 -4.88 1.31
N ASP A 14 -2.12 -4.57 1.92
CA ASP A 14 -2.83 -3.33 1.62
C ASP A 14 -1.96 -2.11 1.92
N SER A 15 -1.18 -1.72 0.92
CA SER A 15 -0.28 -0.57 1.02
C SER A 15 -1.03 0.70 1.41
N LEU A 16 -0.44 1.85 1.13
CA LEU A 16 -1.07 3.14 1.44
C LEU A 16 -0.66 4.21 0.44
N TYR A 17 -1.12 5.44 0.68
CA TYR A 17 -0.80 6.56 -0.20
C TYR A 17 -1.43 6.37 -1.58
N PRO A 18 -2.72 6.69 -1.72
CA PRO A 18 -3.44 6.56 -2.99
C PRO A 18 -2.78 7.37 -4.11
N PRO A 19 -2.43 8.64 -3.85
CA PRO A 19 -1.80 9.51 -4.85
C PRO A 19 -0.30 9.26 -4.96
N ALA A 20 0.39 10.17 -5.64
CA ALA A 20 1.83 10.05 -5.82
C ALA A 20 2.59 10.52 -4.58
N GLY A 21 2.36 9.83 -3.46
CA GLY A 21 3.02 10.20 -2.22
C GLY A 21 2.08 10.15 -1.03
N ASP A 1 5.03 -2.36 0.12
CA ASP A 1 6.04 -2.37 1.16
C ASP A 1 5.42 -2.12 2.53
N GLY A 2 4.16 -2.52 2.68
CA GLY A 2 3.47 -2.33 3.96
C GLY A 2 3.40 -0.87 4.37
N MET A 3 2.22 -0.27 4.25
CA MET A 3 2.03 1.13 4.62
C MET A 3 0.58 1.56 4.39
N GLY A 4 -0.35 0.65 4.68
CA GLY A 4 -1.75 0.96 4.50
C GLY A 4 -2.65 -0.24 4.73
N GLU A 5 -3.87 -0.17 4.21
CA GLU A 5 -4.83 -1.26 4.37
C GLU A 5 -5.92 -1.17 3.31
N GLU A 6 -5.50 -1.07 2.04
CA GLU A 6 -6.44 -0.99 0.93
C GLU A 6 -6.27 -2.17 -0.03
N PHE A 7 -5.08 -2.27 -0.63
CA PHE A 7 -4.80 -3.34 -1.57
C PHE A 7 -3.30 -3.61 -1.70
N ILE A 8 -2.94 -4.87 -1.91
CA ILE A 8 -1.55 -5.31 -2.04
C ILE A 8 -0.62 -4.19 -2.52
N GLU A 9 0.52 -4.06 -1.85
CA GLU A 9 1.51 -3.05 -2.19
C GLU A 9 2.56 -3.61 -3.15
N GLY A 10 3.46 -4.43 -2.61
CA GLY A 10 4.50 -5.03 -3.42
C GLY A 10 4.54 -6.54 -3.32
N LEU A 11 3.87 -7.09 -2.31
CA LEU A 11 3.84 -8.53 -2.11
C LEU A 11 2.56 -8.96 -1.38
N VAL A 12 2.55 -8.79 -0.06
CA VAL A 12 1.39 -9.17 0.73
C VAL A 12 1.11 -8.14 1.82
N ARG A 13 0.38 -7.09 1.45
CA ARG A 13 0.02 -6.03 2.40
C ARG A 13 -0.84 -4.98 1.73
N ASP A 14 -2.12 -4.95 2.11
CA ASP A 14 -3.06 -3.98 1.55
C ASP A 14 -2.55 -2.55 1.72
N SER A 15 -1.75 -2.10 0.77
CA SER A 15 -1.20 -0.74 0.81
C SER A 15 -2.30 0.30 0.95
N LEU A 16 -1.91 1.55 1.15
CA LEU A 16 -2.88 2.63 1.30
C LEU A 16 -2.94 3.48 0.04
N TYR A 17 -1.95 4.35 -0.13
CA TYR A 17 -1.90 5.22 -1.31
C TYR A 17 -0.64 6.09 -1.29
N PRO A 18 -0.10 6.43 -2.47
CA PRO A 18 1.11 7.25 -2.59
C PRO A 18 0.99 8.57 -1.83
N PRO A 19 2.13 9.18 -1.45
CA PRO A 19 2.14 10.45 -0.71
C PRO A 19 1.46 11.57 -1.48
N ALA A 20 2.03 11.95 -2.61
CA ALA A 20 1.48 13.02 -3.44
C ALA A 20 1.77 12.77 -4.92
N GLY A 21 1.04 11.84 -5.51
CA GLY A 21 1.23 11.52 -6.92
C GLY A 21 0.27 10.46 -7.42
N ASP A 1 4.82 -1.64 -0.92
CA ASP A 1 6.05 -1.16 -0.30
C ASP A 1 5.99 -1.31 1.22
N GLY A 2 4.90 -0.81 1.81
CA GLY A 2 4.73 -0.90 3.24
C GLY A 2 3.86 0.21 3.80
N MET A 3 3.31 0.00 4.99
CA MET A 3 2.45 0.99 5.62
C MET A 3 1.26 1.34 4.72
N GLY A 4 0.12 0.72 5.00
CA GLY A 4 -1.07 0.97 4.20
C GLY A 4 -2.12 -0.10 4.39
N GLU A 5 -3.31 0.13 3.83
CA GLU A 5 -4.40 -0.83 3.93
C GLU A 5 -5.38 -0.66 2.77
N GLU A 6 -4.85 -0.60 1.56
CA GLU A 6 -5.68 -0.45 0.37
C GLU A 6 -5.59 -1.68 -0.52
N PHE A 7 -4.37 -2.06 -0.90
CA PHE A 7 -4.18 -3.24 -1.75
C PHE A 7 -2.73 -3.69 -1.77
N ILE A 8 -2.52 -5.00 -1.67
CA ILE A 8 -1.21 -5.60 -1.65
C ILE A 8 -0.27 -4.97 -2.68
N GLU A 9 1.01 -4.89 -2.32
CA GLU A 9 2.03 -4.31 -3.20
C GLU A 9 2.64 -5.39 -4.08
N GLY A 10 3.07 -6.47 -3.44
CA GLY A 10 3.67 -7.57 -4.17
C GLY A 10 2.87 -8.86 -4.04
N LEU A 11 2.10 -8.97 -2.97
CA LEU A 11 1.28 -10.16 -2.73
C LEU A 11 0.54 -10.07 -1.40
N VAL A 12 1.17 -9.44 -0.41
CA VAL A 12 0.56 -9.29 0.91
C VAL A 12 0.68 -7.86 1.43
N ARG A 13 -0.17 -7.51 2.39
CA ARG A 13 -0.17 -6.17 2.99
C ARG A 13 -0.83 -5.15 2.08
N ASP A 14 -2.12 -4.91 2.31
CA ASP A 14 -2.88 -3.95 1.52
C ASP A 14 -2.20 -2.59 1.48
N SER A 15 -1.26 -2.42 0.56
CA SER A 15 -0.53 -1.16 0.41
C SER A 15 -1.45 0.05 0.51
N LEU A 16 -0.87 1.21 0.77
CA LEU A 16 -1.65 2.45 0.88
C LEU A 16 -1.73 3.18 -0.45
N TYR A 17 -2.80 3.94 -0.64
CA TYR A 17 -2.99 4.70 -1.88
C TYR A 17 -1.91 5.77 -2.04
N PRO A 18 -1.74 6.30 -3.27
CA PRO A 18 -0.74 7.33 -3.54
C PRO A 18 -0.79 8.47 -2.53
N PRO A 19 0.30 8.67 -1.76
CA PRO A 19 0.37 9.74 -0.75
C PRO A 19 0.38 11.12 -1.38
N ALA A 20 0.59 12.14 -0.54
CA ALA A 20 0.62 13.52 -1.01
C ALA A 20 2.06 13.98 -1.23
N GLY A 21 2.42 14.26 -2.47
CA GLY A 21 3.76 14.71 -2.79
C GLY A 21 3.81 15.53 -4.06
N ASP A 1 5.07 -2.75 -0.84
CA ASP A 1 6.29 -2.71 -0.04
C ASP A 1 6.00 -3.04 1.42
N GLY A 2 5.02 -2.34 2.00
CA GLY A 2 4.66 -2.57 3.38
C GLY A 2 3.73 -1.51 3.94
N MET A 3 4.11 -0.24 3.77
CA MET A 3 3.30 0.87 4.25
C MET A 3 2.08 1.09 3.35
N GLY A 4 0.95 1.44 3.98
CA GLY A 4 -0.26 1.67 3.21
C GLY A 4 -1.41 0.80 3.68
N GLU A 5 -2.56 0.93 3.01
CA GLU A 5 -3.73 0.14 3.36
C GLU A 5 -4.79 0.21 2.27
N GLU A 6 -4.36 0.08 1.01
CA GLU A 6 -5.27 0.13 -0.13
C GLU A 6 -5.40 -1.25 -0.77
N PHE A 7 -4.29 -1.79 -1.25
CA PHE A 7 -4.29 -3.11 -1.90
C PHE A 7 -2.89 -3.71 -1.94
N ILE A 8 -2.83 -5.04 -1.90
CA ILE A 8 -1.56 -5.77 -1.93
C ILE A 8 -0.52 -5.10 -2.82
N GLU A 9 0.72 -5.09 -2.35
CA GLU A 9 1.83 -4.48 -3.09
C GLU A 9 2.61 -5.54 -3.85
N GLY A 10 1.97 -6.67 -4.14
CA GLY A 10 2.63 -7.74 -4.86
C GLY A 10 3.05 -8.88 -3.95
N LEU A 11 3.31 -8.55 -2.69
CA LEU A 11 3.74 -9.56 -1.71
C LEU A 11 2.55 -10.06 -0.89
N VAL A 12 2.06 -9.23 0.02
CA VAL A 12 0.93 -9.59 0.87
C VAL A 12 0.66 -8.51 1.91
N ARG A 13 0.18 -7.35 1.45
CA ARG A 13 -0.11 -6.24 2.35
C ARG A 13 -0.74 -5.07 1.59
N ASP A 14 -1.92 -4.65 2.04
CA ASP A 14 -2.63 -3.54 1.43
C ASP A 14 -1.72 -2.31 1.32
N SER A 15 -0.98 -2.24 0.22
CA SER A 15 -0.05 -1.14 -0.04
C SER A 15 -0.72 0.22 0.15
N LEU A 16 0.01 1.28 -0.13
CA LEU A 16 -0.52 2.64 0.03
C LEU A 16 -1.00 3.22 -1.29
N TYR A 17 -1.66 4.37 -1.20
CA TYR A 17 -2.18 5.06 -2.39
C TYR A 17 -1.36 6.30 -2.69
N PRO A 18 -1.61 6.94 -3.84
CA PRO A 18 -0.89 8.16 -4.26
C PRO A 18 -0.68 9.13 -3.10
N PRO A 19 0.20 10.13 -3.28
CA PRO A 19 0.50 11.13 -2.25
C PRO A 19 -0.76 11.65 -1.56
N ALA A 20 -0.84 11.44 -0.26
CA ALA A 20 -2.00 11.88 0.52
C ALA A 20 -1.55 12.55 1.82
N GLY A 21 -1.20 13.84 1.74
CA GLY A 21 -0.76 14.55 2.91
C GLY A 21 0.67 15.06 2.78
#